data_1TNR
#
_entry.id   1TNR
#
_cell.length_a   145.640
_cell.length_b   145.640
_cell.length_c   145.640
_cell.angle_alpha   90.00
_cell.angle_beta   90.00
_cell.angle_gamma   90.00
#
_symmetry.space_group_name_H-M   'I 2 3'
#
loop_
_entity.id
_entity.type
_entity.pdbx_description
1 polymer 'TUMOR NECROSIS FACTOR BETA'
2 polymer 'TUMOR NECROSIS FACTOR RECEPTOR P55'
3 water water
#
loop_
_entity_poly.entity_id
_entity_poly.type
_entity_poly.pdbx_seq_one_letter_code
_entity_poly.pdbx_strand_id
1 'polypeptide(L)'
;KPAAHLIGDPSKQNSLLWRANTDRAFLQDGFSLSNNSLLVPTSGIYFVYSQVVFSGKAYSPKATSSPLYLAHEVQLFSSQ
YPFHVPLLSSQKMVYPGLQEPWLHSMYHGAAFQLTQGDQLSTHTDGIPHLVLSPSTVFFGAFAL
;
A
2 'polypeptide(L)'
;CPQGKYIHPQNNSICCTKCHKGTYLYNDCPGPGQDTDCRECESGSFTASENHLRHCLSCSKCRKEMGQVEISSCTVDRDT
VCGCRKNQYRHYWSENLFQCFNCSLCLNGTVHLSCQEKQNTVCTCHAGFFLRENECVSC
;
R
#
# COMPACT_ATOMS: atom_id res chain seq x y z
N LYS A 1 6.60 -10.28 25.34
CA LYS A 1 7.96 -10.20 24.75
C LYS A 1 7.89 -10.31 23.20
N PRO A 2 7.59 -11.49 22.61
CA PRO A 2 7.55 -11.58 21.13
C PRO A 2 6.45 -10.88 20.38
N ALA A 3 6.80 -10.25 19.26
CA ALA A 3 5.83 -9.52 18.45
C ALA A 3 6.33 -9.35 17.04
N ALA A 4 5.39 -9.24 16.11
CA ALA A 4 5.74 -9.07 14.72
C ALA A 4 4.67 -8.27 14.04
N HIS A 5 5.10 -7.48 13.06
CA HIS A 5 4.21 -6.69 12.24
C HIS A 5 4.77 -6.80 10.84
N LEU A 6 3.97 -7.27 9.90
CA LEU A 6 4.45 -7.45 8.53
C LEU A 6 3.59 -6.76 7.51
N ILE A 7 4.19 -6.32 6.41
CA ILE A 7 3.43 -5.66 5.33
C ILE A 7 3.46 -6.49 4.03
N GLY A 8 2.42 -6.33 3.22
CA GLY A 8 2.36 -7.05 1.95
C GLY A 8 3.40 -6.40 1.06
N ASP A 9 4.21 -7.20 0.38
CA ASP A 9 5.27 -6.69 -0.49
C ASP A 9 4.66 -6.07 -1.78
N PRO A 10 4.75 -4.72 -1.94
CA PRO A 10 4.17 -4.08 -3.12
C PRO A 10 4.84 -4.28 -4.47
N SER A 11 5.96 -5.00 -4.51
CA SER A 11 6.61 -5.27 -5.77
C SER A 11 6.14 -6.61 -6.37
N LYS A 12 5.46 -7.44 -5.61
CA LYS A 12 4.99 -8.71 -6.16
C LYS A 12 3.58 -8.45 -6.63
N GLN A 13 3.38 -8.38 -7.93
CA GLN A 13 2.05 -8.08 -8.45
C GLN A 13 0.99 -9.17 -8.37
N ASN A 14 1.38 -10.44 -8.43
CA ASN A 14 0.37 -11.50 -8.45
C ASN A 14 0.30 -12.40 -7.25
N SER A 15 1.13 -12.15 -6.24
CA SER A 15 1.11 -12.97 -5.04
C SER A 15 1.09 -12.08 -3.81
N LEU A 16 0.79 -12.64 -2.64
CA LEU A 16 0.79 -11.87 -1.41
C LEU A 16 1.90 -12.35 -0.49
N LEU A 17 3.03 -11.68 -0.59
CA LEU A 17 4.21 -12.01 0.18
C LEU A 17 4.42 -11.03 1.30
N TRP A 18 4.55 -11.54 2.50
CA TRP A 18 4.78 -10.71 3.69
C TRP A 18 6.28 -10.41 3.89
N ARG A 19 6.61 -9.20 4.33
CA ARG A 19 8.01 -8.88 4.56
C ARG A 19 8.19 -7.97 5.78
N ALA A 20 9.40 -7.95 6.33
CA ALA A 20 9.62 -7.17 7.52
C ALA A 20 10.82 -6.22 7.49
N ASN A 21 11.33 -5.93 6.31
CA ASN A 21 12.51 -5.07 6.19
C ASN A 21 12.29 -3.62 5.77
N THR A 22 11.04 -3.15 5.75
CA THR A 22 10.77 -1.76 5.33
C THR A 22 9.66 -1.12 6.14
N ASP A 23 9.58 0.21 6.07
CA ASP A 23 8.57 0.95 6.80
C ASP A 23 8.57 0.60 8.29
N ARG A 24 7.40 0.45 8.89
CA ARG A 24 7.35 0.15 10.31
C ARG A 24 7.17 -1.35 10.66
N ALA A 25 7.49 -2.23 9.72
CA ALA A 25 7.37 -3.67 9.95
C ALA A 25 8.52 -4.14 10.85
N PHE A 26 8.35 -5.25 11.56
CA PHE A 26 9.40 -5.73 12.45
C PHE A 26 9.14 -7.11 13.05
N LEU A 27 10.20 -7.69 13.62
CA LEU A 27 10.15 -8.99 14.26
C LEU A 27 11.01 -8.83 15.50
N GLN A 28 10.57 -9.36 16.64
CA GLN A 28 11.38 -9.24 17.82
C GLN A 28 11.10 -10.34 18.79
N ASP A 29 12.14 -10.77 19.50
CA ASP A 29 11.98 -11.81 20.49
C ASP A 29 11.62 -13.20 20.04
N GLY A 30 12.07 -13.63 18.88
CA GLY A 30 11.79 -14.99 18.47
C GLY A 30 10.84 -15.22 17.33
N PHE A 31 10.05 -14.24 16.96
CA PHE A 31 9.15 -14.44 15.84
C PHE A 31 10.05 -14.46 14.62
N SER A 32 9.68 -15.25 13.61
CA SER A 32 10.48 -15.34 12.40
C SER A 32 9.59 -15.73 11.23
N LEU A 33 10.14 -15.52 10.03
CA LEU A 33 9.46 -15.82 8.77
C LEU A 33 10.03 -16.96 7.92
N SER A 34 9.38 -18.12 7.87
CA SER A 34 9.77 -19.16 6.93
C SER A 34 8.53 -19.29 6.02
N ASN A 35 8.70 -19.93 4.85
CA ASN A 35 7.61 -20.11 3.82
C ASN A 35 6.42 -19.16 4.01
N ASN A 36 6.65 -17.86 3.94
CA ASN A 36 5.59 -16.84 4.09
C ASN A 36 4.67 -17.04 5.34
N SER A 37 5.18 -17.65 6.41
CA SER A 37 4.40 -17.94 7.63
C SER A 37 5.15 -17.42 8.86
N LEU A 38 4.43 -17.11 9.92
CA LEU A 38 5.07 -16.63 11.14
C LEU A 38 5.15 -17.87 11.98
N LEU A 39 6.33 -18.07 12.56
CA LEU A 39 6.58 -19.22 13.39
C LEU A 39 6.47 -18.81 14.84
N VAL A 40 5.57 -19.41 15.58
CA VAL A 40 5.41 -19.06 16.98
C VAL A 40 6.58 -19.58 17.81
N PRO A 41 7.33 -18.66 18.45
CA PRO A 41 8.49 -19.01 19.27
C PRO A 41 8.23 -19.69 20.61
N THR A 42 7.16 -19.35 21.32
CA THR A 42 6.91 -20.01 22.59
C THR A 42 5.44 -20.16 22.81
N SER A 43 5.07 -21.11 23.64
CA SER A 43 3.67 -21.34 23.92
C SER A 43 3.11 -20.16 24.71
N GLY A 44 1.84 -19.83 24.48
CA GLY A 44 1.21 -18.73 25.18
C GLY A 44 0.03 -18.15 24.43
N ILE A 45 -0.45 -17.02 24.92
CA ILE A 45 -1.59 -16.37 24.30
C ILE A 45 -1.14 -15.23 23.43
N TYR A 46 -1.64 -15.24 22.20
CA TYR A 46 -1.28 -14.22 21.24
C TYR A 46 -2.47 -13.54 20.61
N PHE A 47 -2.31 -12.24 20.36
CA PHE A 47 -3.34 -11.52 19.68
C PHE A 47 -2.84 -11.57 18.22
N VAL A 48 -3.68 -12.04 17.30
CA VAL A 48 -3.29 -12.12 15.91
C VAL A 48 -4.19 -11.23 15.08
N TYR A 49 -3.63 -10.47 14.15
CA TYR A 49 -4.42 -9.53 13.33
C TYR A 49 -3.97 -9.35 11.87
N SER A 50 -4.90 -8.93 11.02
CA SER A 50 -4.58 -8.70 9.63
C SER A 50 -5.60 -7.80 8.93
N GLN A 51 -5.14 -7.05 7.94
CA GLN A 51 -6.03 -6.20 7.18
C GLN A 51 -5.69 -6.27 5.71
N VAL A 52 -6.71 -6.17 4.86
CA VAL A 52 -6.52 -6.13 3.42
C VAL A 52 -7.49 -5.09 2.87
N VAL A 53 -7.11 -4.49 1.76
CA VAL A 53 -7.94 -3.49 1.09
C VAL A 53 -7.95 -3.89 -0.39
N PHE A 54 -9.12 -3.93 -1.01
CA PHE A 54 -9.24 -4.31 -2.41
C PHE A 54 -9.85 -3.18 -3.21
N SER A 55 -9.59 -3.18 -4.53
CA SER A 55 -10.14 -2.19 -5.45
C SER A 55 -10.30 -2.79 -6.86
N GLY A 56 -11.04 -2.10 -7.72
CA GLY A 56 -11.22 -2.57 -9.08
C GLY A 56 -12.04 -1.58 -9.88
N LYS A 57 -12.20 -1.83 -11.17
CA LYS A 57 -13.00 -0.98 -12.05
C LYS A 57 -13.32 -1.77 -13.31
N ALA A 58 -14.56 -2.27 -13.40
CA ALA A 58 -15.04 -3.06 -14.56
C ALA A 58 -15.04 -2.19 -15.82
N TYR A 59 -14.23 -2.59 -16.81
CA TYR A 59 -14.08 -1.88 -18.09
C TYR A 59 -15.09 -2.27 -19.15
N SER A 60 -15.62 -3.49 -19.05
CA SER A 60 -16.56 -4.01 -20.03
C SER A 60 -17.84 -4.49 -19.37
N PRO A 61 -18.96 -4.55 -20.14
CA PRO A 61 -20.25 -5.03 -19.61
C PRO A 61 -20.22 -6.48 -19.14
N LYS A 62 -19.32 -7.29 -19.70
CA LYS A 62 -19.18 -8.69 -19.30
C LYS A 62 -18.83 -8.79 -17.80
N ALA A 63 -17.91 -7.91 -17.38
CA ALA A 63 -17.45 -7.84 -15.99
C ALA A 63 -18.50 -7.38 -14.96
N THR A 64 -19.57 -6.75 -15.42
CA THR A 64 -20.63 -6.24 -14.54
C THR A 64 -21.73 -7.27 -14.26
N SER A 65 -21.68 -8.40 -14.97
CA SER A 65 -22.67 -9.47 -14.85
C SER A 65 -22.61 -10.22 -13.51
N SER A 66 -21.49 -10.91 -13.28
CA SER A 66 -21.27 -11.68 -12.06
C SER A 66 -20.47 -10.93 -11.02
N PRO A 67 -20.79 -11.18 -9.74
CA PRO A 67 -20.12 -10.55 -8.61
C PRO A 67 -18.69 -11.06 -8.42
N LEU A 68 -18.00 -10.43 -7.47
CA LEU A 68 -16.64 -10.76 -7.13
C LEU A 68 -16.67 -11.22 -5.68
N TYR A 69 -16.04 -12.35 -5.39
CA TYR A 69 -16.00 -12.83 -4.00
C TYR A 69 -14.63 -12.41 -3.43
N LEU A 70 -14.62 -11.71 -2.28
CA LEU A 70 -13.37 -11.28 -1.67
C LEU A 70 -13.31 -11.87 -0.28
N ALA A 71 -12.18 -12.47 0.07
CA ALA A 71 -12.02 -13.04 1.39
C ALA A 71 -10.58 -13.05 1.85
N HIS A 72 -10.39 -12.88 3.15
CA HIS A 72 -9.07 -12.90 3.71
C HIS A 72 -9.27 -13.73 4.94
N GLU A 73 -8.25 -14.49 5.31
CA GLU A 73 -8.38 -15.40 6.40
C GLU A 73 -7.01 -15.76 7.00
N VAL A 74 -6.95 -15.92 8.33
CA VAL A 74 -5.71 -16.31 9.02
C VAL A 74 -5.87 -17.75 9.47
N GLN A 75 -4.97 -18.62 9.03
CA GLN A 75 -5.03 -20.02 9.39
C GLN A 75 -3.87 -20.44 10.24
N LEU A 76 -4.13 -21.51 10.97
CA LEU A 76 -3.16 -22.08 11.88
C LEU A 76 -2.79 -23.48 11.48
N PHE A 77 -1.50 -23.78 11.58
CA PHE A 77 -0.99 -25.11 11.33
C PHE A 77 -0.15 -25.53 12.55
N SER A 78 -0.76 -26.36 13.40
CA SER A 78 -0.20 -26.85 14.65
C SER A 78 0.11 -28.34 14.53
N SER A 79 1.05 -28.85 15.33
CA SER A 79 1.37 -30.28 15.28
C SER A 79 0.19 -31.07 15.86
N GLN A 80 -0.73 -30.38 16.52
CA GLN A 80 -1.88 -31.04 17.13
C GLN A 80 -2.90 -31.61 16.15
N TYR A 81 -2.84 -31.16 14.89
CA TYR A 81 -3.79 -31.62 13.88
C TYR A 81 -3.10 -31.49 12.51
N PRO A 82 -3.25 -32.50 11.65
CA PRO A 82 -2.61 -32.46 10.32
C PRO A 82 -3.14 -31.44 9.30
N PHE A 83 -4.17 -30.67 9.65
CA PHE A 83 -4.75 -29.72 8.68
C PHE A 83 -4.71 -28.24 9.05
N HIS A 84 -4.79 -27.39 8.04
CA HIS A 84 -4.83 -25.95 8.24
C HIS A 84 -6.18 -25.61 8.79
N VAL A 85 -6.20 -24.78 9.81
CA VAL A 85 -7.45 -24.38 10.43
C VAL A 85 -7.62 -22.88 10.48
N PRO A 86 -8.78 -22.41 10.03
CA PRO A 86 -9.10 -20.98 10.02
C PRO A 86 -9.33 -20.47 11.41
N LEU A 87 -8.68 -19.37 11.76
CA LEU A 87 -8.85 -18.73 13.07
C LEU A 87 -9.74 -17.49 12.90
N LEU A 88 -9.57 -16.80 11.77
CA LEU A 88 -10.31 -15.59 11.47
C LEU A 88 -10.57 -15.56 9.95
N SER A 89 -11.77 -15.16 9.53
CA SER A 89 -12.13 -15.02 8.11
C SER A 89 -13.04 -13.82 7.94
N SER A 90 -12.81 -13.06 6.89
CA SER A 90 -13.64 -11.91 6.56
C SER A 90 -14.01 -12.07 5.09
N GLN A 91 -15.29 -11.87 4.79
CA GLN A 91 -15.79 -12.04 3.45
C GLN A 91 -16.69 -10.91 3.02
N LYS A 92 -16.76 -10.70 1.71
CA LYS A 92 -17.54 -9.62 1.11
C LYS A 92 -17.82 -10.01 -0.34
N MET A 93 -19.01 -9.66 -0.83
CA MET A 93 -19.36 -9.93 -2.22
C MET A 93 -19.48 -8.54 -2.86
N VAL A 94 -18.81 -8.34 -3.99
CA VAL A 94 -18.85 -7.05 -4.67
C VAL A 94 -19.53 -7.14 -6.03
N TYR A 95 -20.44 -6.20 -6.28
CA TYR A 95 -21.16 -6.13 -7.56
C TYR A 95 -20.68 -4.90 -8.35
N PRO A 96 -19.66 -5.07 -9.20
CA PRO A 96 -19.08 -4.00 -10.01
C PRO A 96 -20.07 -3.34 -10.96
N GLY A 97 -19.98 -2.01 -11.00
CA GLY A 97 -20.81 -1.22 -11.88
C GLY A 97 -19.92 -0.84 -13.06
N LEU A 98 -20.52 -0.64 -14.24
CA LEU A 98 -19.72 -0.31 -15.43
C LEU A 98 -18.98 1.02 -15.32
N GLN A 99 -17.66 0.93 -15.25
CA GLN A 99 -16.75 2.10 -15.17
C GLN A 99 -16.55 2.79 -13.82
N GLU A 100 -17.39 2.45 -12.83
CA GLU A 100 -17.32 3.03 -11.49
C GLU A 100 -16.37 2.17 -10.66
N PRO A 101 -15.26 2.75 -10.17
CA PRO A 101 -14.32 1.96 -9.38
C PRO A 101 -14.87 1.68 -7.97
N TRP A 102 -14.56 0.49 -7.44
CA TRP A 102 -15.01 0.12 -6.10
C TRP A 102 -13.81 -0.03 -5.16
N LEU A 103 -14.03 0.21 -3.87
CA LEU A 103 -13.00 0.16 -2.84
C LEU A 103 -13.58 -0.44 -1.56
N HIS A 104 -12.93 -1.47 -1.03
CA HIS A 104 -13.40 -2.09 0.21
C HIS A 104 -12.27 -2.43 1.18
N SER A 105 -12.54 -2.33 2.47
CA SER A 105 -11.51 -2.68 3.47
C SER A 105 -12.01 -3.76 4.43
N MET A 106 -11.14 -4.67 4.86
CA MET A 106 -11.54 -5.73 5.81
C MET A 106 -10.48 -5.87 6.89
N TYR A 107 -10.90 -5.98 8.13
CA TYR A 107 -9.96 -6.14 9.24
C TYR A 107 -10.45 -7.15 10.23
N HIS A 108 -9.51 -7.86 10.87
CA HIS A 108 -9.88 -8.83 11.91
C HIS A 108 -8.73 -9.15 12.89
N GLY A 109 -9.07 -9.47 14.14
CA GLY A 109 -8.08 -9.80 15.15
C GLY A 109 -8.71 -10.46 16.35
N ALA A 110 -8.01 -11.40 16.96
CA ALA A 110 -8.52 -12.10 18.12
C ALA A 110 -7.35 -12.70 18.87
N ALA A 111 -7.63 -13.20 20.07
CA ALA A 111 -6.61 -13.81 20.92
C ALA A 111 -6.71 -15.34 20.95
N PHE A 112 -5.57 -16.03 20.87
CA PHE A 112 -5.59 -17.48 20.88
C PHE A 112 -4.49 -18.07 21.72
N GLN A 113 -4.69 -19.31 22.14
CA GLN A 113 -3.72 -20.05 22.92
C GLN A 113 -2.90 -20.83 21.91
N LEU A 114 -1.69 -20.37 21.65
CA LEU A 114 -0.83 -21.03 20.71
C LEU A 114 0.24 -21.84 21.40
N THR A 115 0.80 -22.79 20.65
CA THR A 115 1.88 -23.66 21.11
C THR A 115 3.16 -23.34 20.34
N GLN A 116 4.30 -23.38 21.02
CA GLN A 116 5.57 -23.15 20.35
C GLN A 116 5.64 -24.03 19.10
N GLY A 117 6.16 -23.50 18.00
CA GLY A 117 6.21 -24.29 16.76
C GLY A 117 5.04 -24.11 15.80
N ASP A 118 3.86 -23.73 16.29
CA ASP A 118 2.71 -23.49 15.42
C ASP A 118 3.05 -22.47 14.32
N GLN A 119 2.34 -22.56 13.20
CA GLN A 119 2.57 -21.60 12.13
C GLN A 119 1.29 -20.86 11.76
N LEU A 120 1.43 -19.55 11.61
CA LEU A 120 0.33 -18.67 11.27
C LEU A 120 0.50 -18.21 9.82
N SER A 121 -0.54 -18.33 8.99
CA SER A 121 -0.44 -17.90 7.61
C SER A 121 -1.78 -17.33 7.17
N THR A 122 -1.81 -16.68 6.00
CA THR A 122 -3.03 -16.07 5.47
C THR A 122 -3.38 -16.65 4.12
N HIS A 123 -4.65 -16.62 3.78
CA HIS A 123 -5.13 -17.08 2.48
C HIS A 123 -6.06 -15.98 2.05
N THR A 124 -5.93 -15.58 0.80
CA THR A 124 -6.73 -14.53 0.26
C THR A 124 -7.34 -14.90 -1.06
N ASP A 125 -8.62 -14.57 -1.18
CA ASP A 125 -9.38 -14.78 -2.38
C ASP A 125 -9.58 -13.34 -2.87
N GLY A 126 -8.90 -13.00 -3.97
CA GLY A 126 -9.00 -11.66 -4.54
C GLY A 126 -7.64 -10.97 -4.70
N ILE A 127 -6.56 -11.74 -4.62
CA ILE A 127 -5.21 -11.20 -4.69
C ILE A 127 -4.93 -10.17 -5.79
N PRO A 128 -5.44 -10.41 -7.01
CA PRO A 128 -5.21 -9.45 -8.11
C PRO A 128 -5.78 -8.03 -7.83
N HIS A 129 -6.66 -7.91 -6.84
CA HIS A 129 -7.29 -6.64 -6.48
C HIS A 129 -6.82 -5.94 -5.20
N LEU A 130 -5.75 -6.41 -4.61
CA LEU A 130 -5.25 -5.79 -3.40
C LEU A 130 -4.65 -4.42 -3.68
N VAL A 131 -4.81 -3.49 -2.75
CA VAL A 131 -4.20 -2.18 -2.87
C VAL A 131 -3.01 -2.34 -1.94
N LEU A 132 -1.88 -2.75 -2.54
CA LEU A 132 -0.66 -2.99 -1.77
C LEU A 132 0.10 -1.74 -1.32
N SER A 133 0.04 -1.48 -0.02
CA SER A 133 0.76 -0.38 0.57
C SER A 133 0.97 -0.80 2.03
N PRO A 134 2.00 -0.26 2.69
CA PRO A 134 2.22 -0.65 4.07
C PRO A 134 1.10 -0.26 5.05
N SER A 135 0.27 0.72 4.71
CA SER A 135 -0.79 1.08 5.63
C SER A 135 -2.10 0.37 5.35
N THR A 136 -2.19 -0.33 4.21
CA THR A 136 -3.43 -1.01 3.85
C THR A 136 -3.44 -2.53 3.94
N VAL A 137 -2.31 -3.16 3.63
CA VAL A 137 -2.23 -4.60 3.67
C VAL A 137 -1.11 -5.07 4.64
N PHE A 138 -1.52 -5.54 5.82
CA PHE A 138 -0.59 -6.00 6.84
C PHE A 138 -1.08 -7.22 7.62
N PHE A 139 -0.18 -7.77 8.43
CA PHE A 139 -0.46 -8.98 9.19
C PHE A 139 0.49 -8.99 10.37
N GLY A 140 -0.01 -9.35 11.55
CA GLY A 140 0.88 -9.35 12.69
C GLY A 140 0.33 -10.10 13.89
N ALA A 141 1.18 -10.23 14.91
CA ALA A 141 0.79 -10.90 16.15
C ALA A 141 1.69 -10.45 17.29
N PHE A 142 1.19 -10.61 18.49
CA PHE A 142 1.97 -10.26 19.65
C PHE A 142 1.48 -11.04 20.85
N ALA A 143 2.41 -11.48 21.68
CA ALA A 143 2.13 -12.25 22.88
C ALA A 143 1.56 -11.36 23.97
N LEU A 144 0.55 -11.84 24.70
CA LEU A 144 -0.03 -11.04 25.76
C LEU A 144 0.76 -11.26 27.02
N CYS B 1 19.90 20.35 19.52
CA CYS B 1 21.32 20.63 19.16
C CYS B 1 21.40 20.98 17.64
N PRO B 2 22.59 20.93 16.99
CA PRO B 2 22.68 21.27 15.56
C PRO B 2 21.72 20.61 14.59
N GLN B 3 20.91 21.42 13.90
CA GLN B 3 19.99 20.92 12.88
C GLN B 3 20.88 20.27 11.80
N GLY B 4 20.75 18.94 11.66
CA GLY B 4 21.57 18.20 10.69
C GLY B 4 22.23 17.08 11.47
N LYS B 5 21.95 17.07 12.77
CA LYS B 5 22.43 16.08 13.73
C LYS B 5 21.23 15.80 14.66
N TYR B 6 21.25 14.67 15.38
CA TYR B 6 20.16 14.29 16.28
C TYR B 6 20.77 13.71 17.55
N ILE B 7 20.02 13.69 18.64
CA ILE B 7 20.52 13.19 19.92
C ILE B 7 20.63 11.66 19.95
N HIS B 8 21.73 11.14 20.51
CA HIS B 8 21.97 9.71 20.63
C HIS B 8 21.02 9.14 21.69
N PRO B 9 20.29 8.07 21.35
CA PRO B 9 19.36 7.47 22.31
C PRO B 9 19.88 7.25 23.75
N GLN B 10 20.94 6.45 23.90
CA GLN B 10 21.50 6.14 25.22
C GLN B 10 22.55 7.08 25.79
N ASN B 11 22.58 8.32 25.32
CA ASN B 11 23.54 9.25 25.87
C ASN B 11 23.35 10.62 25.32
N ASN B 12 22.57 11.39 26.06
CA ASN B 12 22.29 12.77 25.73
C ASN B 12 23.66 13.46 25.49
N SER B 13 23.69 14.51 24.67
CA SER B 13 24.92 15.27 24.36
C SER B 13 25.88 14.71 23.30
N ILE B 14 25.54 13.57 22.69
CA ILE B 14 26.40 13.02 21.66
C ILE B 14 25.61 13.11 20.35
N CYS B 15 25.45 14.35 19.87
CA CYS B 15 24.68 14.65 18.66
C CYS B 15 25.24 14.16 17.32
N CYS B 16 24.86 12.94 16.93
CA CYS B 16 25.29 12.29 15.69
C CYS B 16 24.81 12.94 14.41
N THR B 17 25.56 12.73 13.35
CA THR B 17 25.20 13.28 12.06
C THR B 17 23.98 12.48 11.55
N LYS B 18 22.96 13.17 11.03
CA LYS B 18 21.78 12.48 10.49
C LYS B 18 22.16 11.86 9.15
N CYS B 19 21.38 10.88 8.68
CA CYS B 19 21.64 10.26 7.38
C CYS B 19 20.90 11.10 6.37
N HIS B 20 21.50 11.29 5.22
CA HIS B 20 20.88 12.08 4.18
C HIS B 20 20.11 11.14 3.25
N LYS B 21 19.31 11.73 2.38
CA LYS B 21 18.48 11.01 1.40
C LYS B 21 19.15 9.78 0.76
N GLY B 22 18.36 8.74 0.50
CA GLY B 22 18.86 7.53 -0.12
C GLY B 22 19.39 6.49 0.84
N THR B 23 19.61 6.90 2.09
CA THR B 23 20.12 5.99 3.11
C THR B 23 19.29 5.93 4.40
N TYR B 24 19.63 4.96 5.26
CA TYR B 24 18.95 4.81 6.53
C TYR B 24 19.91 4.51 7.65
N LEU B 25 19.50 4.91 8.85
CA LEU B 25 20.28 4.70 10.04
C LEU B 25 20.39 3.22 10.29
N TYR B 26 21.57 2.67 10.06
CA TYR B 26 21.82 1.27 10.34
C TYR B 26 22.27 1.18 11.80
N ASN B 27 23.15 2.10 12.21
CA ASN B 27 23.65 2.16 13.59
C ASN B 27 23.96 3.58 13.97
N ASP B 28 23.65 3.93 15.21
CA ASP B 28 23.92 5.29 15.70
C ASP B 28 25.43 5.45 15.75
N CYS B 29 25.91 6.66 15.45
CA CYS B 29 27.34 6.92 15.45
C CYS B 29 27.91 6.65 16.85
N PRO B 30 29.06 5.92 16.91
CA PRO B 30 29.78 5.49 18.11
C PRO B 30 30.12 6.53 19.17
N GLY B 31 30.79 7.61 18.78
CA GLY B 31 31.13 8.67 19.73
C GLY B 31 31.21 10.01 19.01
N PRO B 32 31.25 11.17 19.73
CA PRO B 32 31.32 12.48 19.04
C PRO B 32 32.45 12.49 18.02
N GLY B 33 32.20 13.08 16.86
CA GLY B 33 33.22 13.11 15.82
C GLY B 33 33.30 11.84 14.98
N GLN B 34 32.51 10.83 15.31
CA GLN B 34 32.51 9.60 14.53
C GLN B 34 31.30 9.47 13.61
N ASP B 35 31.56 8.97 12.42
CA ASP B 35 30.53 8.79 11.41
C ASP B 35 29.38 7.93 11.88
N THR B 36 28.18 8.31 11.46
CA THR B 36 26.97 7.56 11.76
C THR B 36 26.95 6.52 10.65
N ASP B 37 26.53 5.31 10.98
CA ASP B 37 26.50 4.21 10.02
C ASP B 37 25.18 4.23 9.22
N CYS B 38 25.17 4.83 8.04
CA CYS B 38 23.97 4.86 7.22
C CYS B 38 24.14 3.91 6.06
N ARG B 39 23.07 3.29 5.58
CA ARG B 39 23.21 2.39 4.46
C ARG B 39 22.22 2.67 3.36
N GLU B 40 22.60 2.31 2.14
CA GLU B 40 21.78 2.55 0.98
C GLU B 40 20.53 1.69 0.96
N CYS B 41 19.40 2.32 0.72
CA CYS B 41 18.12 1.60 0.65
C CYS B 41 18.19 0.57 -0.46
N GLU B 42 17.65 -0.63 -0.23
CA GLU B 42 17.64 -1.66 -1.28
C GLU B 42 16.70 -1.13 -2.36
N SER B 43 16.68 -1.74 -3.54
CA SER B 43 15.79 -1.29 -4.61
C SER B 43 14.37 -1.52 -4.14
N GLY B 44 13.51 -0.54 -4.31
CA GLY B 44 12.14 -0.69 -3.85
C GLY B 44 11.93 0.14 -2.60
N SER B 45 13.03 0.55 -1.98
CA SER B 45 12.99 1.39 -0.80
C SER B 45 13.38 2.77 -1.26
N PHE B 46 13.22 3.73 -0.37
CA PHE B 46 13.61 5.11 -0.60
C PHE B 46 13.48 5.88 0.71
N THR B 47 14.14 7.03 0.75
CA THR B 47 14.07 7.98 1.86
C THR B 47 14.36 9.27 1.13
N ALA B 48 13.48 10.24 1.23
CA ALA B 48 13.73 11.45 0.53
C ALA B 48 14.13 12.56 1.48
N SER B 49 14.97 12.28 2.47
CA SER B 49 15.31 13.34 3.42
C SER B 49 16.30 12.97 4.52
N GLU B 50 16.57 13.96 5.37
CA GLU B 50 17.42 13.86 6.55
C GLU B 50 16.64 12.90 7.39
N ASN B 51 17.27 11.85 7.87
CA ASN B 51 16.50 10.94 8.69
C ASN B 51 17.37 10.08 9.55
N HIS B 52 16.74 9.49 10.55
CA HIS B 52 17.42 8.51 11.35
C HIS B 52 16.44 7.37 11.50
N LEU B 53 15.92 6.98 10.34
CA LEU B 53 14.96 5.89 10.21
C LEU B 53 15.71 4.57 10.23
N ARG B 54 15.11 3.55 10.86
CA ARG B 54 15.73 2.24 10.95
C ARG B 54 15.49 1.40 9.71
N HIS B 55 14.52 1.81 8.88
CA HIS B 55 14.20 1.11 7.66
C HIS B 55 13.89 2.15 6.61
N CYS B 56 13.88 1.73 5.36
CA CYS B 56 13.56 2.62 4.27
C CYS B 56 12.09 2.43 4.00
N LEU B 57 11.46 3.42 3.36
CA LEU B 57 10.04 3.36 3.01
C LEU B 57 9.85 2.61 1.70
N SER B 58 8.73 1.91 1.57
CA SER B 58 8.41 1.19 0.34
C SER B 58 8.02 2.19 -0.72
N CYS B 59 8.36 1.86 -1.96
CA CYS B 59 8.03 2.68 -3.11
C CYS B 59 6.53 2.45 -3.38
N SER B 60 5.82 3.51 -3.76
CA SER B 60 4.39 3.45 -4.03
C SER B 60 4.02 2.86 -5.40
N LYS B 61 2.96 2.07 -5.44
CA LYS B 61 2.43 1.49 -6.68
C LYS B 61 1.35 2.54 -7.03
N CYS B 62 1.04 2.75 -8.30
CA CYS B 62 0.03 3.75 -8.65
C CYS B 62 -1.32 3.05 -8.61
N ARG B 63 -2.40 3.80 -8.40
CA ARG B 63 -3.72 3.18 -8.30
C ARG B 63 -4.34 2.86 -9.65
N LYS B 64 -4.11 1.64 -10.12
CA LYS B 64 -4.62 1.15 -11.41
C LYS B 64 -6.14 1.30 -11.58
N GLU B 65 -6.90 1.09 -10.52
CA GLU B 65 -8.36 1.22 -10.62
C GLU B 65 -8.74 2.68 -10.93
N MET B 66 -7.85 3.60 -10.57
CA MET B 66 -8.03 5.04 -10.80
C MET B 66 -7.48 5.42 -12.20
N GLY B 67 -7.01 4.43 -12.96
CA GLY B 67 -6.48 4.69 -14.27
C GLY B 67 -5.13 5.41 -14.25
N GLN B 68 -4.48 5.47 -13.09
CA GLN B 68 -3.19 6.13 -12.99
C GLN B 68 -2.12 5.34 -13.70
N VAL B 69 -1.06 6.02 -14.17
CA VAL B 69 0.10 5.40 -14.86
C VAL B 69 1.33 5.99 -14.20
N GLU B 70 2.40 5.20 -14.12
CA GLU B 70 3.60 5.72 -13.46
C GLU B 70 4.51 6.51 -14.36
N ILE B 71 4.58 7.80 -14.05
CA ILE B 71 5.40 8.75 -14.77
C ILE B 71 6.90 8.53 -14.53
N SER B 72 7.34 8.58 -13.27
CA SER B 72 8.76 8.38 -12.95
C SER B 72 8.90 7.16 -12.10
N SER B 73 9.96 6.41 -12.33
CA SER B 73 10.21 5.25 -11.50
C SER B 73 10.72 5.69 -10.15
N CYS B 74 10.68 4.76 -9.21
CA CYS B 74 11.13 5.02 -7.87
C CYS B 74 12.63 4.81 -7.85
N THR B 75 13.32 5.61 -7.05
CA THR B 75 14.77 5.55 -6.89
C THR B 75 15.04 5.58 -5.39
N VAL B 76 16.26 5.29 -4.97
CA VAL B 76 16.56 5.31 -3.55
C VAL B 76 16.30 6.65 -2.80
N ASP B 77 15.92 7.72 -3.52
CA ASP B 77 15.66 9.01 -2.87
C ASP B 77 14.46 9.81 -3.40
N ARG B 78 13.81 9.29 -4.43
CA ARG B 78 12.63 9.93 -5.01
C ARG B 78 11.65 8.79 -5.16
N ASP B 79 10.44 8.98 -4.64
CA ASP B 79 9.37 7.96 -4.72
C ASP B 79 8.64 8.06 -6.08
N THR B 80 8.08 6.92 -6.51
CA THR B 80 7.31 6.79 -7.76
C THR B 80 6.41 8.01 -8.01
N VAL B 81 6.32 8.47 -9.26
CA VAL B 81 5.43 9.61 -9.56
C VAL B 81 4.33 9.11 -10.48
N CYS B 82 3.09 9.29 -10.05
CA CYS B 82 1.99 8.81 -10.87
C CYS B 82 1.25 9.95 -11.49
N GLY B 83 0.55 9.62 -12.57
CA GLY B 83 -0.23 10.61 -13.27
C GLY B 83 -1.12 9.92 -14.26
N CYS B 84 -1.51 10.69 -15.25
CA CYS B 84 -2.38 10.24 -16.31
C CYS B 84 -1.69 10.44 -17.64
N ARG B 85 -2.22 9.84 -18.71
CA ARG B 85 -1.67 10.03 -20.04
C ARG B 85 -2.22 11.38 -20.50
N LYS B 86 -1.40 12.23 -21.12
CA LYS B 86 -1.91 13.55 -21.58
C LYS B 86 -3.02 13.24 -22.57
N ASN B 87 -4.08 14.03 -22.47
CA ASN B 87 -5.32 13.92 -23.23
C ASN B 87 -6.37 13.52 -22.14
N GLN B 88 -5.87 13.32 -20.91
CA GLN B 88 -6.66 12.97 -19.72
C GLN B 88 -6.44 14.03 -18.67
N TYR B 89 -7.42 14.26 -17.80
CA TYR B 89 -7.25 15.22 -16.71
C TYR B 89 -7.46 14.48 -15.40
N ARG B 90 -7.06 15.10 -14.31
CA ARG B 90 -7.17 14.51 -12.98
C ARG B 90 -8.34 15.04 -12.20
N HIS B 91 -8.96 14.16 -11.43
CA HIS B 91 -10.05 14.58 -10.55
C HIS B 91 -9.62 14.10 -9.17
N TYR B 92 -9.42 15.07 -8.26
CA TYR B 92 -9.00 14.72 -6.91
C TYR B 92 -10.18 14.40 -5.99
N TRP B 93 -10.10 13.22 -5.40
CA TRP B 93 -11.10 12.72 -4.46
C TRP B 93 -10.68 13.15 -3.06
N SER B 94 -9.37 13.11 -2.84
CA SER B 94 -8.75 13.51 -1.57
C SER B 94 -7.42 14.16 -1.97
N GLU B 95 -6.79 14.86 -1.04
CA GLU B 95 -5.50 15.51 -1.30
C GLU B 95 -4.42 14.55 -1.85
N ASN B 96 -4.68 13.24 -1.85
CA ASN B 96 -3.71 12.27 -2.38
C ASN B 96 -4.30 11.35 -3.43
N LEU B 97 -5.61 11.20 -3.43
CA LEU B 97 -6.18 10.32 -4.40
C LEU B 97 -6.88 11.07 -5.54
N PHE B 98 -6.40 10.80 -6.75
CA PHE B 98 -6.94 11.38 -7.98
C PHE B 98 -7.22 10.23 -8.97
N GLN B 99 -8.26 10.40 -9.79
CA GLN B 99 -8.66 9.43 -10.80
C GLN B 99 -8.40 10.13 -12.13
N CYS B 100 -8.01 9.37 -13.17
CA CYS B 100 -7.74 9.95 -14.49
C CYS B 100 -8.96 9.81 -15.37
N PHE B 101 -9.40 10.91 -15.98
CA PHE B 101 -10.54 10.88 -16.91
C PHE B 101 -10.11 11.38 -18.31
N ASN B 102 -10.72 10.82 -19.35
CA ASN B 102 -10.45 11.21 -20.74
C ASN B 102 -11.03 12.64 -20.97
N CYS B 103 -10.30 13.50 -21.68
CA CYS B 103 -10.77 14.88 -21.98
C CYS B 103 -11.86 14.88 -23.01
N SER B 104 -12.87 15.74 -22.88
CA SER B 104 -13.93 15.74 -23.90
C SER B 104 -13.41 16.33 -25.20
N LEU B 105 -13.94 15.82 -26.30
CA LEU B 105 -13.52 16.25 -27.62
C LEU B 105 -14.37 17.36 -28.19
N CYS B 106 -15.55 17.55 -27.63
CA CYS B 106 -16.50 18.57 -28.09
C CYS B 106 -17.13 18.21 -29.41
N LEU B 107 -17.52 16.96 -29.57
CA LEU B 107 -18.20 16.54 -30.78
C LEU B 107 -19.47 17.38 -30.85
N ASN B 108 -19.85 17.75 -32.07
CA ASN B 108 -21.04 18.57 -32.31
C ASN B 108 -20.94 19.89 -31.58
N GLY B 109 -19.71 20.41 -31.46
CA GLY B 109 -19.44 21.68 -30.81
C GLY B 109 -18.07 22.28 -31.15
N THR B 110 -17.67 23.28 -30.39
CA THR B 110 -16.41 23.96 -30.57
C THR B 110 -15.73 24.02 -29.22
N VAL B 111 -14.41 23.80 -29.18
CA VAL B 111 -13.69 23.87 -27.93
C VAL B 111 -13.69 25.32 -27.42
N HIS B 112 -14.29 25.56 -26.25
CA HIS B 112 -14.35 26.88 -25.63
C HIS B 112 -13.04 27.05 -24.82
N LEU B 113 -12.73 26.05 -23.99
CA LEU B 113 -11.52 26.04 -23.16
C LEU B 113 -10.85 24.68 -23.33
N SER B 114 -9.56 24.67 -23.61
CA SER B 114 -8.88 23.40 -23.82
C SER B 114 -8.74 22.66 -22.51
N CYS B 115 -8.57 21.35 -22.58
CA CYS B 115 -8.41 20.54 -21.39
C CYS B 115 -7.17 20.92 -20.57
N GLN B 116 -7.31 20.89 -19.25
CA GLN B 116 -6.22 21.25 -18.32
C GLN B 116 -5.69 20.04 -17.52
N GLU B 117 -4.79 20.25 -16.55
CA GLU B 117 -4.25 19.12 -15.78
C GLU B 117 -5.30 18.64 -14.78
N LYS B 118 -6.10 19.57 -14.27
CA LYS B 118 -7.12 19.21 -13.30
C LYS B 118 -8.49 19.69 -13.77
N GLN B 119 -8.72 19.75 -15.07
CA GLN B 119 -10.02 20.23 -15.57
C GLN B 119 -10.37 19.72 -16.95
N ASN B 120 -11.62 19.32 -17.13
CA ASN B 120 -12.05 18.83 -18.44
C ASN B 120 -12.25 19.98 -19.45
N THR B 121 -12.22 19.65 -20.74
CA THR B 121 -12.43 20.61 -21.83
C THR B 121 -13.83 21.24 -21.70
N VAL B 122 -13.97 22.55 -21.89
CA VAL B 122 -15.32 23.16 -21.88
C VAL B 122 -15.75 23.33 -23.33
N CYS B 123 -16.90 22.82 -23.72
CA CYS B 123 -17.33 22.97 -25.10
C CYS B 123 -18.44 24.00 -25.23
N THR B 124 -18.71 24.44 -26.46
CA THR B 124 -19.81 25.37 -26.74
C THR B 124 -20.50 24.59 -27.80
N CYS B 125 -21.78 24.31 -27.62
CA CYS B 125 -22.43 23.54 -28.65
C CYS B 125 -22.84 24.33 -29.87
N HIS B 126 -23.06 23.59 -30.95
CA HIS B 126 -23.48 24.16 -32.23
C HIS B 126 -24.96 24.47 -32.05
N ALA B 127 -25.46 25.47 -32.79
CA ALA B 127 -26.88 25.83 -32.70
C ALA B 127 -27.70 24.56 -33.01
N GLY B 128 -28.68 24.26 -32.18
CA GLY B 128 -29.49 23.06 -32.38
C GLY B 128 -29.11 21.97 -31.40
N PHE B 129 -28.13 22.25 -30.53
CA PHE B 129 -27.65 21.30 -29.54
C PHE B 129 -27.70 21.83 -28.10
N PHE B 130 -27.84 20.93 -27.13
CA PHE B 130 -27.89 21.28 -25.71
C PHE B 130 -26.61 20.79 -25.06
N LEU B 131 -25.97 21.63 -24.24
CA LEU B 131 -24.76 21.21 -23.54
C LEU B 131 -25.23 20.51 -22.26
N ARG B 132 -25.35 19.17 -22.31
CA ARG B 132 -25.80 18.37 -21.14
C ARG B 132 -24.61 17.79 -20.36
N GLU B 133 -24.04 18.63 -19.49
CA GLU B 133 -22.87 18.30 -18.64
C GLU B 133 -21.67 17.70 -19.43
N ASN B 134 -21.08 18.55 -20.23
CA ASN B 134 -19.92 18.23 -21.11
C ASN B 134 -20.03 17.42 -22.37
N GLU B 135 -21.21 17.40 -22.95
CA GLU B 135 -21.54 16.73 -24.21
C GLU B 135 -22.67 17.50 -24.86
N CYS B 136 -22.69 17.55 -26.19
CA CYS B 136 -23.76 18.26 -26.86
C CYS B 136 -24.79 17.23 -27.34
N VAL B 137 -26.02 17.37 -26.86
CA VAL B 137 -27.11 16.47 -27.23
C VAL B 137 -28.09 17.25 -28.08
N SER B 138 -28.56 16.64 -29.17
CA SER B 138 -29.51 17.27 -30.11
C SER B 138 -30.88 17.53 -29.49
N CYS B 139 -31.48 18.67 -29.82
CA CYS B 139 -32.81 19.05 -29.33
C CYS B 139 -33.92 18.11 -29.88
#